data_2AM5
#
_entry.id   2AM5
#
_cell.length_a   40.619
_cell.length_b   82.029
_cell.length_c   101.852
_cell.angle_alpha   90.00
_cell.angle_beta   90.00
_cell.angle_gamma   90.00
#
_symmetry.space_group_name_H-M   'P 21 21 21'
#
loop_
_entity.id
_entity.type
_entity.pdbx_description
1 polymer 'Alpha-1,3-mannosyl-glycoprotein 2-beta-N-acetylglucosaminyltransferase'
2 non-polymer 'MANGANESE (II) ION'
3 non-polymer "URIDINE-5'-DIPHOSPHATE"
4 non-polymer GLYCEROL
5 water water
#
_entity_poly.entity_id   1
_entity_poly.type   'polypeptide(L)'
_entity_poly.pdbx_seq_one_letter_code
;AVIPILVIACDRSTVRRCLDKLLHYRPSAELFPIIVSQDCGHEETAQVIASYGSAVTHIRQPDLSNIAVQPDHRKFQGYY
KIARHYRWALGQIFHNFNYPAAVVVEDDLEVAPDFFEYFQATYPLLKADPSLWCVSAWNDNGKEQMVDSSKPELLYRTDF
FPGLGWLLLAELWAELEPKWPKAFWDDWMRRPEQRKGRACVRPEISRTMTFGRKGVSHGQFFDQHLKFIKLNQQFVPFTQ
LDLSYLQQEAYDRDFLARVYGAPQLQVEKVRTNDRKELGEVRVQYTGRDSFKAFAKALGVMDDLKSGVPRAGYRGIVTFL
FRGRRVHLAPPQTWDGYDPSWT
;
_entity_poly.pdbx_strand_id   A
#
loop_
_chem_comp.id
_chem_comp.type
_chem_comp.name
_chem_comp.formula
GOL non-polymer GLYCEROL 'C3 H8 O3'
MN non-polymer 'MANGANESE (II) ION' 'Mn 2'
UDP RNA linking URIDINE-5'-DIPHOSPHATE 'C9 H14 N2 O12 P2'
#
# COMPACT_ATOMS: atom_id res chain seq x y z
N ALA A 1 3.82 15.61 15.39
CA ALA A 1 2.68 15.99 14.50
C ALA A 1 1.49 15.06 14.79
N VAL A 2 0.28 15.59 14.76
CA VAL A 2 -0.90 14.76 15.02
C VAL A 2 -1.38 14.08 13.74
N ILE A 3 -1.26 12.76 13.72
CA ILE A 3 -1.64 11.97 12.55
C ILE A 3 -2.74 10.99 12.94
N PRO A 4 -3.99 11.31 12.58
CA PRO A 4 -5.07 10.38 12.93
C PRO A 4 -5.01 9.10 12.13
N ILE A 5 -5.55 8.03 12.71
CA ILE A 5 -5.67 6.77 12.00
C ILE A 5 -7.16 6.75 11.68
N LEU A 6 -7.51 6.71 10.40
CA LEU A 6 -8.91 6.66 9.98
C LEU A 6 -9.20 5.21 9.66
N VAL A 7 -10.00 4.56 10.50
CA VAL A 7 -10.37 3.17 10.28
C VAL A 7 -11.73 3.19 9.54
N ILE A 8 -11.79 2.51 8.39
CA ILE A 8 -13.02 2.44 7.57
C ILE A 8 -13.71 1.13 7.88
N ALA A 9 -14.95 1.22 8.36
CA ALA A 9 -15.71 0.02 8.73
C ALA A 9 -17.10 0.03 8.12
N CYS A 10 -17.74 -1.14 8.15
CA CYS A 10 -19.08 -1.29 7.60
C CYS A 10 -19.93 -2.34 8.34
N ASP A 11 -19.76 -3.61 7.98
CA ASP A 11 -20.59 -4.64 8.57
C ASP A 11 -19.88 -5.91 9.02
N ARG A 12 -18.57 -5.78 9.29
CA ARG A 12 -17.82 -6.94 9.78
C ARG A 12 -17.44 -6.66 11.24
N SER A 13 -17.90 -7.53 12.13
CA SER A 13 -17.62 -7.36 13.55
C SER A 13 -16.12 -7.58 13.83
N THR A 14 -15.41 -8.16 12.86
CA THR A 14 -13.97 -8.38 13.01
C THR A 14 -13.19 -7.07 12.98
N VAL A 15 -13.88 -5.93 12.93
CA VAL A 15 -13.20 -4.66 13.03
C VAL A 15 -12.53 -4.71 14.42
N ARG A 16 -13.04 -5.58 15.29
CA ARG A 16 -12.48 -5.76 16.64
C ARG A 16 -11.00 -6.15 16.55
N ARG A 17 -10.68 -7.07 15.66
CA ARG A 17 -9.29 -7.50 15.52
C ARG A 17 -8.40 -6.34 15.09
N CYS A 18 -8.92 -5.55 14.15
CA CYS A 18 -8.20 -4.39 13.65
C CYS A 18 -7.92 -3.38 14.77
N LEU A 19 -8.98 -3.02 15.50
CA LEU A 19 -8.86 -2.03 16.57
C LEU A 19 -8.02 -2.52 17.74
N ASP A 20 -8.16 -3.80 18.08
CA ASP A 20 -7.36 -4.33 19.19
C ASP A 20 -5.87 -4.16 18.92
N LYS A 21 -5.42 -4.45 17.71
CA LYS A 21 -4.00 -4.32 17.40
C LYS A 21 -3.58 -2.85 17.33
N LEU A 22 -4.40 -2.00 16.73
CA LEU A 22 -4.06 -0.59 16.65
C LEU A 22 -3.90 0.00 18.05
N LEU A 23 -4.87 -0.30 18.92
CA LEU A 23 -4.83 0.24 20.27
C LEU A 23 -3.72 -0.35 21.12
N HIS A 24 -3.38 -1.60 20.88
CA HIS A 24 -2.32 -2.24 21.66
C HIS A 24 -0.95 -1.61 21.35
N TYR A 25 -0.70 -1.31 20.09
CA TYR A 25 0.59 -0.76 19.69
C TYR A 25 0.70 0.75 19.70
N ARG A 26 -0.43 1.46 19.77
CA ARG A 26 -0.40 2.92 19.73
C ARG A 26 0.49 3.47 20.83
N PRO A 27 1.50 4.27 20.46
CA PRO A 27 2.40 4.84 21.47
C PRO A 27 1.90 6.09 22.16
N SER A 28 0.93 6.74 21.55
CA SER A 28 0.37 7.98 22.07
C SER A 28 -1.03 8.23 21.53
N ALA A 29 -1.99 8.39 22.43
CA ALA A 29 -3.36 8.68 22.05
C ALA A 29 -3.45 10.09 21.47
N GLU A 30 -2.65 11.00 22.02
CA GLU A 30 -2.64 12.39 21.55
C GLU A 30 -2.09 12.53 20.13
N LEU A 31 -1.01 11.81 19.84
CA LEU A 31 -0.41 11.92 18.52
C LEU A 31 -1.12 11.08 17.45
N PHE A 32 -1.77 10.00 17.88
CA PHE A 32 -2.47 9.13 16.94
C PHE A 32 -3.92 8.87 17.31
N PRO A 33 -4.77 9.90 17.22
CA PRO A 33 -6.17 9.68 17.55
C PRO A 33 -6.75 8.70 16.53
N ILE A 34 -7.61 7.79 16.99
CA ILE A 34 -8.22 6.82 16.08
C ILE A 34 -9.68 7.23 15.86
N ILE A 35 -10.03 7.40 14.58
CA ILE A 35 -11.37 7.81 14.18
C ILE A 35 -11.90 6.65 13.37
N VAL A 36 -12.98 6.04 13.85
CA VAL A 36 -13.58 4.92 13.12
C VAL A 36 -14.82 5.42 12.40
N SER A 37 -14.75 5.43 11.08
CA SER A 37 -15.89 5.86 10.28
C SER A 37 -16.61 4.59 9.83
N GLN A 38 -17.87 4.46 10.21
CA GLN A 38 -18.66 3.30 9.86
C GLN A 38 -19.76 3.61 8.86
N ASP A 39 -19.79 2.84 7.79
CA ASP A 39 -20.82 2.96 6.77
C ASP A 39 -21.81 1.82 7.07
N CYS A 40 -22.85 1.71 6.25
CA CYS A 40 -23.77 0.59 6.34
C CYS A 40 -24.80 0.52 7.47
N GLY A 41 -24.44 0.90 8.69
CA GLY A 41 -25.40 0.86 9.78
C GLY A 41 -25.58 -0.47 10.49
N HIS A 42 -24.70 -1.44 10.23
CA HIS A 42 -24.75 -2.77 10.82
C HIS A 42 -24.70 -2.62 12.35
N GLU A 43 -25.76 -3.03 13.04
CA GLU A 43 -25.86 -2.88 14.49
C GLU A 43 -24.80 -3.57 15.31
N GLU A 44 -24.51 -4.83 15.02
CA GLU A 44 -23.49 -5.53 15.80
C GLU A 44 -22.13 -4.85 15.67
N THR A 45 -21.77 -4.48 14.45
CA THR A 45 -20.50 -3.81 14.22
C THR A 45 -20.48 -2.47 14.96
N ALA A 46 -21.61 -1.76 14.93
CA ALA A 46 -21.67 -0.47 15.63
C ALA A 46 -21.48 -0.67 17.13
N GLN A 47 -22.08 -1.74 17.66
CA GLN A 47 -21.96 -2.00 19.10
C GLN A 47 -20.53 -2.36 19.45
N VAL A 48 -19.85 -3.09 18.59
CA VAL A 48 -18.46 -3.43 18.82
C VAL A 48 -17.61 -2.16 18.90
N ILE A 49 -17.80 -1.27 17.93
CA ILE A 49 -17.03 -0.04 17.90
C ILE A 49 -17.33 0.80 19.14
N ALA A 50 -18.62 0.93 19.46
CA ALA A 50 -19.02 1.72 20.61
C ALA A 50 -18.43 1.21 21.92
N SER A 51 -18.22 -0.10 22.02
CA SER A 51 -17.68 -0.67 23.25
C SER A 51 -16.27 -0.21 23.59
N TYR A 52 -15.56 0.36 22.61
CA TYR A 52 -14.21 0.84 22.88
C TYR A 52 -14.26 2.16 23.59
N GLY A 53 -15.45 2.74 23.70
CA GLY A 53 -15.60 4.01 24.38
C GLY A 53 -14.73 5.12 23.83
N SER A 54 -14.14 5.90 24.74
CA SER A 54 -13.33 7.04 24.35
C SER A 54 -11.99 6.70 23.70
N ALA A 55 -11.64 5.42 23.60
CA ALA A 55 -10.38 5.04 22.97
C ALA A 55 -10.43 5.36 21.48
N VAL A 56 -11.63 5.51 20.95
CA VAL A 56 -11.80 5.86 19.54
C VAL A 56 -12.94 6.87 19.42
N THR A 57 -13.02 7.51 18.25
CA THR A 57 -14.11 8.42 17.95
C THR A 57 -14.89 7.71 16.84
N HIS A 58 -16.15 7.42 17.11
CA HIS A 58 -17.01 6.70 16.17
C HIS A 58 -17.90 7.67 15.41
N ILE A 59 -17.74 7.73 14.08
CA ILE A 59 -18.55 8.60 13.26
C ILE A 59 -19.28 7.70 12.25
N ARG A 60 -20.40 8.18 11.75
CA ARG A 60 -21.25 7.38 10.85
C ARG A 60 -21.58 8.06 9.54
N GLN A 61 -21.27 7.37 8.44
CA GLN A 61 -21.55 7.88 7.10
C GLN A 61 -23.08 8.12 7.11
N PRO A 62 -23.51 9.35 6.77
CA PRO A 62 -24.92 9.74 6.78
C PRO A 62 -25.91 9.28 5.74
N ASP A 63 -25.41 8.93 4.57
CA ASP A 63 -26.28 8.58 3.46
C ASP A 63 -26.21 7.09 3.13
N LEU A 64 -27.21 6.34 3.63
CA LEU A 64 -27.23 4.89 3.44
C LEU A 64 -28.09 4.43 2.26
N SER A 65 -28.43 5.36 1.37
CA SER A 65 -29.25 5.03 0.22
C SER A 65 -28.52 4.18 -0.79
N ASN A 66 -29.28 3.49 -1.63
CA ASN A 66 -28.66 2.71 -2.70
C ASN A 66 -28.17 3.70 -3.74
N ILE A 67 -27.12 3.33 -4.45
CA ILE A 67 -26.52 4.20 -5.45
C ILE A 67 -26.85 3.74 -6.86
N ALA A 68 -27.22 4.68 -7.71
CA ALA A 68 -27.55 4.36 -9.10
C ALA A 68 -26.21 4.15 -9.81
N VAL A 69 -25.98 2.95 -10.29
CA VAL A 69 -24.74 2.64 -10.98
C VAL A 69 -24.88 2.76 -12.48
N GLN A 70 -23.75 2.87 -13.17
CA GLN A 70 -23.77 2.97 -14.62
C GLN A 70 -24.12 1.60 -15.22
N PRO A 71 -24.52 1.56 -16.50
CA PRO A 71 -24.91 0.31 -17.16
C PRO A 71 -23.96 -0.88 -17.15
N ASP A 72 -22.67 -0.60 -16.98
CA ASP A 72 -21.68 -1.67 -16.97
C ASP A 72 -21.39 -2.18 -15.57
N HIS A 73 -22.08 -1.61 -14.59
CA HIS A 73 -21.78 -1.92 -13.20
C HIS A 73 -22.85 -2.53 -12.30
N ARG A 74 -23.83 -3.22 -12.85
CA ARG A 74 -24.86 -3.77 -11.98
C ARG A 74 -24.31 -4.66 -10.84
N LYS A 75 -23.26 -5.41 -11.09
CA LYS A 75 -22.70 -6.29 -10.05
C LYS A 75 -21.74 -5.57 -9.09
N PHE A 76 -21.55 -4.28 -9.29
CA PHE A 76 -20.57 -3.56 -8.52
C PHE A 76 -21.02 -2.46 -7.58
N GLN A 77 -22.25 -2.53 -7.11
CA GLN A 77 -22.79 -1.53 -6.18
C GLN A 77 -21.88 -1.35 -4.94
N GLY A 78 -21.33 -2.43 -4.44
CA GLY A 78 -20.48 -2.35 -3.27
C GLY A 78 -19.29 -1.41 -3.47
N TYR A 79 -18.72 -1.41 -4.67
CA TYR A 79 -17.58 -0.54 -4.96
C TYR A 79 -18.00 0.93 -5.01
N TYR A 80 -19.24 1.19 -5.40
CA TYR A 80 -19.74 2.56 -5.41
C TYR A 80 -19.91 3.03 -3.95
N LYS A 81 -20.37 2.11 -3.10
CA LYS A 81 -20.56 2.44 -1.70
C LYS A 81 -19.20 2.70 -1.04
N ILE A 82 -18.20 1.90 -1.37
CA ILE A 82 -16.88 2.11 -0.81
C ILE A 82 -16.38 3.51 -1.18
N ALA A 83 -16.49 3.86 -2.46
CA ALA A 83 -16.00 5.15 -2.91
C ALA A 83 -16.74 6.29 -2.23
N ARG A 84 -18.06 6.15 -2.06
CA ARG A 84 -18.82 7.19 -1.39
C ARG A 84 -18.39 7.36 0.06
N HIS A 85 -18.14 6.25 0.75
CA HIS A 85 -17.71 6.31 2.14
C HIS A 85 -16.34 6.97 2.25
N TYR A 86 -15.40 6.55 1.41
CA TYR A 86 -14.08 7.18 1.44
C TYR A 86 -14.18 8.69 1.29
N ARG A 87 -14.98 9.16 0.34
CA ARG A 87 -15.11 10.61 0.14
C ARG A 87 -15.64 11.30 1.39
N TRP A 88 -16.65 10.71 2.02
CA TRP A 88 -17.21 11.32 3.20
C TRP A 88 -16.25 11.27 4.38
N ALA A 89 -15.64 10.11 4.61
CA ALA A 89 -14.75 9.93 5.76
C ALA A 89 -13.51 10.81 5.67
N LEU A 90 -12.91 10.85 4.48
CA LEU A 90 -11.74 11.69 4.32
C LEU A 90 -12.15 13.16 4.45
N GLY A 91 -13.37 13.49 4.03
CA GLY A 91 -13.84 14.86 4.18
C GLY A 91 -13.94 15.20 5.66
N GLN A 92 -14.38 14.24 6.47
CA GLN A 92 -14.48 14.51 7.90
C GLN A 92 -13.10 14.77 8.50
N ILE A 93 -12.14 13.95 8.10
CA ILE A 93 -10.77 14.07 8.59
C ILE A 93 -10.13 15.39 8.21
N PHE A 94 -10.30 15.77 6.94
CA PHE A 94 -9.64 16.98 6.47
C PHE A 94 -10.43 18.28 6.49
N HIS A 95 -11.75 18.20 6.50
CA HIS A 95 -12.57 19.41 6.52
C HIS A 95 -13.18 19.72 7.89
N ASN A 96 -13.67 18.69 8.58
CA ASN A 96 -14.31 18.88 9.87
C ASN A 96 -13.27 18.88 10.99
N PHE A 97 -12.50 17.81 11.11
CA PHE A 97 -11.47 17.71 12.13
C PHE A 97 -10.24 18.55 11.76
N ASN A 98 -10.08 18.80 10.46
CA ASN A 98 -8.97 19.59 9.93
C ASN A 98 -7.58 19.09 10.29
N TYR A 99 -7.37 17.78 10.20
CA TYR A 99 -6.05 17.22 10.46
C TYR A 99 -5.17 17.47 9.24
N PRO A 100 -3.84 17.47 9.43
CA PRO A 100 -2.90 17.72 8.33
C PRO A 100 -2.57 16.52 7.45
N ALA A 101 -2.94 15.32 7.93
CA ALA A 101 -2.64 14.09 7.21
C ALA A 101 -3.44 13.01 7.90
N ALA A 102 -3.45 11.82 7.32
CA ALA A 102 -4.16 10.70 7.94
C ALA A 102 -3.62 9.37 7.42
N VAL A 103 -3.69 8.35 8.26
CA VAL A 103 -3.30 7.01 7.81
C VAL A 103 -4.64 6.29 7.69
N VAL A 104 -4.93 5.80 6.48
CA VAL A 104 -6.18 5.12 6.20
C VAL A 104 -6.01 3.62 6.37
N VAL A 105 -6.86 3.03 7.20
CA VAL A 105 -6.80 1.60 7.51
C VAL A 105 -8.16 0.93 7.35
N GLU A 106 -8.28 0.00 6.40
CA GLU A 106 -9.55 -0.72 6.26
C GLU A 106 -9.71 -1.68 7.45
N ASP A 107 -10.96 -1.99 7.78
CA ASP A 107 -11.29 -2.79 8.97
C ASP A 107 -10.80 -4.21 9.01
N ASP A 108 -10.34 -4.73 7.87
CA ASP A 108 -9.85 -6.09 7.82
C ASP A 108 -8.33 -6.16 7.76
N LEU A 109 -7.69 -5.11 8.27
CA LEU A 109 -6.23 -5.08 8.32
C LEU A 109 -5.71 -5.19 9.75
N GLU A 110 -4.69 -6.01 9.93
CA GLU A 110 -4.04 -6.16 11.24
C GLU A 110 -2.69 -5.46 11.06
N VAL A 111 -2.35 -4.54 11.97
CA VAL A 111 -1.08 -3.83 11.86
C VAL A 111 0.07 -4.49 12.59
N ALA A 112 1.28 -4.19 12.12
CA ALA A 112 2.52 -4.69 12.72
C ALA A 112 2.87 -3.86 13.97
N PRO A 113 3.72 -4.41 14.85
CA PRO A 113 4.10 -3.68 16.07
C PRO A 113 4.73 -2.31 15.85
N ASP A 114 5.40 -2.14 14.70
CA ASP A 114 6.03 -0.86 14.41
C ASP A 114 5.28 -0.02 13.40
N PHE A 115 3.99 -0.31 13.26
CA PHE A 115 3.14 0.44 12.33
C PHE A 115 3.18 1.95 12.62
N PHE A 116 3.02 2.33 13.89
CA PHE A 116 3.00 3.76 14.22
C PHE A 116 4.35 4.39 14.08
N GLU A 117 5.38 3.66 14.49
CA GLU A 117 6.76 4.15 14.41
C GLU A 117 7.12 4.44 12.96
N TYR A 118 6.70 3.56 12.07
CA TYR A 118 6.95 3.68 10.63
C TYR A 118 6.34 4.96 10.07
N PHE A 119 5.06 5.20 10.34
CA PHE A 119 4.44 6.42 9.82
C PHE A 119 4.97 7.69 10.50
N GLN A 120 5.31 7.60 11.77
CA GLN A 120 5.84 8.77 12.46
C GLN A 120 7.16 9.17 11.80
N ALA A 121 7.98 8.18 11.46
CA ALA A 121 9.28 8.44 10.84
C ALA A 121 9.21 8.89 9.39
N THR A 122 8.21 8.40 8.64
CA THR A 122 8.11 8.74 7.23
C THR A 122 7.27 9.97 6.92
N TYR A 123 6.43 10.41 7.84
CA TYR A 123 5.63 11.61 7.62
C TYR A 123 6.51 12.81 7.20
N PRO A 124 7.63 13.06 7.90
N PRO A 124 7.62 12.94 7.83
CA PRO A 124 8.46 14.21 7.48
CA PRO A 124 8.41 14.14 7.49
C PRO A 124 8.94 14.11 6.03
C PRO A 124 8.98 14.06 6.08
N LEU A 125 9.22 12.87 5.59
CA LEU A 125 9.67 12.63 4.23
C LEU A 125 8.57 13.03 3.26
N LEU A 126 7.34 12.61 3.55
CA LEU A 126 6.22 12.90 2.67
C LEU A 126 5.97 14.40 2.62
N LYS A 127 6.13 15.05 3.77
CA LYS A 127 5.93 16.49 3.82
C LYS A 127 6.97 17.24 3.00
N ALA A 128 8.21 16.76 3.02
CA ALA A 128 9.30 17.43 2.32
C ALA A 128 9.51 17.13 0.84
N ASP A 129 9.16 15.93 0.41
CA ASP A 129 9.37 15.53 -0.98
C ASP A 129 8.09 15.51 -1.82
N PRO A 130 7.86 16.53 -2.66
CA PRO A 130 6.65 16.58 -3.49
C PRO A 130 6.55 15.47 -4.55
N SER A 131 7.65 14.76 -4.77
CA SER A 131 7.63 13.66 -5.72
C SER A 131 7.00 12.42 -5.08
N LEU A 132 6.76 12.48 -3.77
CA LEU A 132 6.09 11.38 -3.07
C LEU A 132 4.64 11.81 -2.85
N TRP A 133 3.70 10.88 -2.98
CA TRP A 133 2.32 11.22 -2.68
C TRP A 133 1.70 10.34 -1.59
N CYS A 134 2.47 9.37 -1.11
CA CYS A 134 1.98 8.54 -0.01
C CYS A 134 3.07 7.69 0.60
N VAL A 135 2.75 7.16 1.78
CA VAL A 135 3.61 6.18 2.43
C VAL A 135 2.65 5.01 2.66
N SER A 136 3.04 3.80 2.25
CA SER A 136 2.18 2.64 2.43
C SER A 136 2.89 1.58 3.24
N ALA A 137 2.11 0.83 4.02
CA ALA A 137 2.62 -0.25 4.86
C ALA A 137 2.73 -1.55 4.06
N TRP A 138 2.22 -1.56 2.84
CA TRP A 138 2.14 -2.79 2.07
C TRP A 138 3.20 -3.08 1.02
N ASN A 139 3.74 -4.31 1.06
CA ASN A 139 4.68 -4.76 0.03
C ASN A 139 3.88 -5.76 -0.80
N ASP A 140 3.53 -5.39 -2.03
CA ASP A 140 2.75 -6.25 -2.93
C ASP A 140 3.38 -7.61 -3.19
N ASN A 141 4.70 -7.73 -3.03
CA ASN A 141 5.35 -9.03 -3.22
C ASN A 141 5.95 -9.44 -1.88
N GLY A 142 5.24 -9.14 -0.80
CA GLY A 142 5.74 -9.43 0.53
C GLY A 142 5.55 -10.81 1.14
N LYS A 143 5.52 -11.86 0.31
CA LYS A 143 5.37 -13.21 0.80
C LYS A 143 6.64 -13.57 1.58
N GLU A 144 6.51 -14.46 2.57
CA GLU A 144 7.65 -14.79 3.41
C GLU A 144 8.93 -15.17 2.69
N GLN A 145 8.83 -16.01 1.67
CA GLN A 145 10.03 -16.43 0.96
C GLN A 145 10.54 -15.42 -0.05
N MET A 146 9.89 -14.26 -0.13
CA MET A 146 10.31 -13.24 -1.08
C MET A 146 10.81 -11.97 -0.40
N VAL A 147 10.93 -12.00 0.93
CA VAL A 147 11.43 -10.84 1.67
C VAL A 147 12.64 -11.27 2.51
N ASP A 148 13.53 -10.31 2.76
CA ASP A 148 14.73 -10.56 3.55
C ASP A 148 14.42 -10.27 5.02
N SER A 149 14.23 -11.33 5.80
N SER A 149 14.33 -11.43 5.86
CA SER A 149 13.91 -11.18 7.22
CA SER A 149 13.85 -11.09 7.19
C SER A 149 15.02 -10.51 8.02
C SER A 149 14.97 -10.52 8.06
N SER A 150 16.22 -10.40 7.45
CA SER A 150 17.31 -9.76 8.17
C SER A 150 17.34 -8.25 7.92
N LYS A 151 16.45 -7.78 7.05
CA LYS A 151 16.40 -6.36 6.72
C LYS A 151 14.98 -5.79 6.94
N PRO A 152 14.43 -5.95 8.15
CA PRO A 152 13.08 -5.41 8.40
C PRO A 152 13.02 -3.89 8.33
N GLU A 153 14.20 -3.23 8.37
CA GLU A 153 14.22 -1.77 8.31
C GLU A 153 14.27 -1.21 6.89
N LEU A 154 14.51 -2.06 5.90
CA LEU A 154 14.66 -1.60 4.52
C LEU A 154 13.38 -1.07 3.86
N LEU A 155 13.47 0.13 3.29
CA LEU A 155 12.34 0.76 2.61
C LEU A 155 12.70 1.06 1.16
N TYR A 156 11.66 1.28 0.35
CA TYR A 156 11.81 1.55 -1.08
C TYR A 156 10.82 2.59 -1.55
N ARG A 157 11.03 3.06 -2.77
CA ARG A 157 10.06 3.93 -3.41
C ARG A 157 9.34 3.01 -4.40
N THR A 158 8.07 3.30 -4.66
CA THR A 158 7.32 2.52 -5.64
C THR A 158 6.37 3.43 -6.39
N ASP A 159 6.23 3.17 -7.68
CA ASP A 159 5.31 3.91 -8.53
C ASP A 159 3.92 3.30 -8.43
N PHE A 160 3.82 2.08 -7.90
CA PHE A 160 2.53 1.41 -7.79
C PHE A 160 1.91 1.72 -6.43
N PHE A 161 0.85 2.54 -6.42
CA PHE A 161 0.15 2.90 -5.19
C PHE A 161 -0.36 1.61 -4.55
N PRO A 162 0.14 1.25 -3.36
CA PRO A 162 -0.30 0.00 -2.72
C PRO A 162 -1.55 0.02 -1.88
N GLY A 163 -1.94 1.19 -1.37
CA GLY A 163 -3.09 1.25 -0.48
C GLY A 163 -2.76 0.42 0.75
N LEU A 164 -3.79 -0.24 1.29
CA LEU A 164 -3.66 -1.18 2.42
C LEU A 164 -2.80 -0.67 3.58
N GLY A 165 -3.25 0.43 4.21
CA GLY A 165 -2.53 1.04 5.31
C GLY A 165 -1.66 2.11 4.70
N TRP A 166 -2.23 3.29 4.45
CA TRP A 166 -1.46 4.34 3.78
C TRP A 166 -1.70 5.73 4.32
N LEU A 167 -0.61 6.50 4.31
CA LEU A 167 -0.59 7.87 4.77
C LEU A 167 -0.71 8.86 3.60
N LEU A 168 -1.59 9.86 3.76
CA LEU A 168 -1.71 10.91 2.74
C LEU A 168 -1.81 12.26 3.46
N LEU A 169 -1.36 13.31 2.77
CA LEU A 169 -1.43 14.67 3.32
C LEU A 169 -2.75 15.31 2.95
N ALA A 170 -3.18 16.28 3.76
CA ALA A 170 -4.39 17.04 3.46
C ALA A 170 -4.24 17.66 2.07
N GLU A 171 -3.00 18.00 1.68
CA GLU A 171 -2.73 18.60 0.37
C GLU A 171 -3.15 17.67 -0.75
N LEU A 172 -2.97 16.36 -0.57
CA LEU A 172 -3.38 15.44 -1.63
C LEU A 172 -4.90 15.35 -1.69
N TRP A 173 -5.57 15.35 -0.54
CA TRP A 173 -7.03 15.29 -0.57
C TRP A 173 -7.57 16.52 -1.30
N ALA A 174 -6.89 17.66 -1.15
CA ALA A 174 -7.31 18.88 -1.85
C ALA A 174 -7.34 18.67 -3.36
N GLU A 175 -6.38 17.91 -3.84
CA GLU A 175 -6.25 17.61 -5.26
C GLU A 175 -7.24 16.54 -5.74
N LEU A 176 -7.44 15.51 -4.91
CA LEU A 176 -8.31 14.40 -5.31
C LEU A 176 -9.82 14.57 -5.15
N GLU A 177 -10.25 15.26 -4.10
CA GLU A 177 -11.68 15.36 -3.86
C GLU A 177 -12.57 15.90 -4.98
N PRO A 178 -12.16 16.99 -5.64
CA PRO A 178 -13.00 17.54 -6.72
C PRO A 178 -13.28 16.61 -7.88
N LYS A 179 -12.44 15.57 -8.05
CA LYS A 179 -12.62 14.63 -9.15
C LYS A 179 -12.77 13.20 -8.64
N TRP A 180 -13.08 13.05 -7.36
CA TRP A 180 -13.23 11.70 -6.79
C TRP A 180 -14.19 10.87 -7.63
N PRO A 181 -13.80 9.63 -7.96
CA PRO A 181 -14.63 8.76 -8.79
C PRO A 181 -15.85 8.12 -8.14
N LYS A 182 -16.74 7.63 -9.01
CA LYS A 182 -17.93 6.94 -8.53
C LYS A 182 -17.62 5.57 -7.97
N ALA A 183 -16.54 4.94 -8.45
CA ALA A 183 -16.17 3.60 -7.99
C ALA A 183 -14.73 3.27 -8.35
N PHE A 184 -14.22 2.20 -7.73
CA PHE A 184 -12.88 1.69 -7.97
C PHE A 184 -11.85 2.77 -7.71
N TRP A 185 -11.94 3.38 -6.53
CA TRP A 185 -11.08 4.49 -6.19
C TRP A 185 -9.59 4.20 -6.24
N ASP A 186 -9.18 3.00 -5.83
CA ASP A 186 -7.75 2.73 -5.82
C ASP A 186 -7.16 2.55 -7.22
N ASP A 187 -7.90 1.91 -8.12
CA ASP A 187 -7.36 1.78 -9.47
C ASP A 187 -7.41 3.14 -10.15
N TRP A 188 -8.36 3.98 -9.73
CA TRP A 188 -8.46 5.34 -10.27
C TRP A 188 -7.22 6.16 -9.86
N MET A 189 -6.76 5.99 -8.62
N MET A 189 -6.74 5.98 -8.63
CA MET A 189 -5.58 6.72 -8.17
CA MET A 189 -5.51 6.57 -8.09
C MET A 189 -4.33 6.21 -8.90
C MET A 189 -4.29 6.21 -8.93
N ARG A 190 -4.38 4.96 -9.36
CA ARG A 190 -3.25 4.39 -10.08
C ARG A 190 -3.09 4.92 -11.50
N ARG A 191 -4.11 5.62 -12.00
CA ARG A 191 -4.04 6.18 -13.34
C ARG A 191 -3.09 7.37 -13.35
N PRO A 192 -2.39 7.59 -14.47
CA PRO A 192 -1.45 8.71 -14.54
C PRO A 192 -2.06 10.09 -14.33
N GLU A 193 -3.34 10.26 -14.69
CA GLU A 193 -4.01 11.54 -14.51
C GLU A 193 -4.10 11.90 -13.03
N GLN A 194 -4.09 10.89 -12.17
CA GLN A 194 -4.14 11.12 -10.73
C GLN A 194 -2.74 11.09 -10.13
N ARG A 195 -2.00 10.04 -10.45
CA ARG A 195 -0.65 9.85 -9.88
C ARG A 195 0.38 10.91 -10.25
N LYS A 196 0.34 11.36 -11.50
CA LYS A 196 1.26 12.39 -12.00
C LYS A 196 2.73 12.08 -11.71
N GLY A 197 3.09 10.82 -11.93
CA GLY A 197 4.46 10.36 -11.75
C GLY A 197 4.98 10.25 -10.34
N ARG A 198 4.09 10.45 -9.36
CA ARG A 198 4.52 10.40 -7.95
C ARG A 198 4.62 9.00 -7.38
N ALA A 199 5.48 8.86 -6.38
CA ALA A 199 5.72 7.57 -5.77
C ALA A 199 5.27 7.50 -4.33
N CYS A 200 5.30 6.29 -3.80
CA CYS A 200 4.98 6.09 -2.40
C CYS A 200 6.17 5.36 -1.81
N VAL A 201 6.33 5.46 -0.49
CA VAL A 201 7.36 4.71 0.17
C VAL A 201 6.65 3.39 0.57
N ARG A 202 7.35 2.26 0.45
CA ARG A 202 6.78 0.96 0.84
C ARG A 202 7.94 0.17 1.48
N PRO A 203 7.63 -0.77 2.38
CA PRO A 203 8.66 -1.54 3.05
C PRO A 203 9.04 -2.88 2.45
N GLU A 204 10.22 -3.38 2.84
CA GLU A 204 10.67 -4.71 2.45
C GLU A 204 9.70 -5.72 3.09
N ILE A 205 9.30 -5.47 4.34
CA ILE A 205 8.39 -6.36 5.04
C ILE A 205 7.15 -5.54 5.40
N SER A 206 6.00 -6.01 4.94
N SER A 206 5.94 -6.18 5.04
CA SER A 206 4.72 -5.32 5.16
CA SER A 206 4.76 -5.35 5.22
C SER A 206 4.38 -5.00 6.61
C SER A 206 4.49 -5.04 6.68
N ARG A 207 3.82 -3.81 6.84
CA ARG A 207 3.41 -3.40 8.18
C ARG A 207 1.90 -3.60 8.40
N THR A 208 1.26 -4.22 7.42
CA THR A 208 -0.15 -4.58 7.53
C THR A 208 -0.33 -5.94 6.85
N MET A 209 -1.41 -6.61 7.18
N MET A 209 -1.27 -6.64 7.36
CA MET A 209 -1.75 -7.90 6.58
CA MET A 209 -1.80 -7.77 6.61
C MET A 209 -3.27 -7.88 6.58
C MET A 209 -3.32 -7.72 6.57
N THR A 210 -3.88 -8.49 5.58
CA THR A 210 -5.34 -8.51 5.56
C THR A 210 -5.87 -9.89 5.91
N PHE A 211 -6.99 -9.90 6.63
CA PHE A 211 -7.67 -11.12 7.02
C PHE A 211 -9.11 -11.13 6.45
N GLY A 212 -9.40 -10.15 5.58
CA GLY A 212 -10.74 -10.04 4.99
C GLY A 212 -11.03 -10.95 3.82
N ARG A 213 -11.06 -12.26 4.06
CA ARG A 213 -11.35 -13.18 2.98
C ARG A 213 -12.74 -12.88 2.40
N LYS A 214 -13.70 -12.65 3.29
CA LYS A 214 -15.06 -12.31 2.89
C LYS A 214 -15.18 -10.80 2.96
N GLY A 215 -15.59 -10.18 1.86
CA GLY A 215 -15.76 -8.75 1.82
C GLY A 215 -16.52 -8.37 0.58
N VAL A 216 -16.32 -7.15 0.10
CA VAL A 216 -16.99 -6.71 -1.11
C VAL A 216 -16.52 -7.51 -2.33
N SER A 217 -15.22 -7.74 -2.41
CA SER A 217 -14.62 -8.47 -3.51
C SER A 217 -14.69 -9.97 -3.30
N HIS A 218 -14.88 -10.70 -4.40
CA HIS A 218 -14.90 -12.15 -4.36
C HIS A 218 -13.54 -12.51 -3.77
N GLY A 219 -13.48 -13.59 -3.01
CA GLY A 219 -12.23 -13.98 -2.38
C GLY A 219 -11.08 -14.54 -3.19
N GLN A 220 -11.19 -14.64 -4.52
CA GLN A 220 -10.10 -15.23 -5.28
C GLN A 220 -8.74 -14.52 -5.16
N PHE A 221 -8.71 -13.20 -5.25
CA PHE A 221 -7.44 -12.48 -5.14
C PHE A 221 -6.86 -12.64 -3.73
N PHE A 222 -7.71 -12.63 -2.71
CA PHE A 222 -7.26 -12.84 -1.33
C PHE A 222 -6.66 -14.26 -1.20
N ASP A 223 -7.39 -15.24 -1.73
CA ASP A 223 -6.97 -16.64 -1.65
C ASP A 223 -5.69 -16.97 -2.40
N GLN A 224 -5.45 -16.27 -3.49
CA GLN A 224 -4.26 -16.57 -4.30
C GLN A 224 -3.07 -15.66 -4.06
N HIS A 225 -3.30 -14.51 -3.45
CA HIS A 225 -2.21 -13.58 -3.23
C HIS A 225 -2.18 -12.85 -1.90
N LEU A 226 -3.22 -12.07 -1.61
CA LEU A 226 -3.22 -11.27 -0.39
C LEU A 226 -2.95 -12.01 0.92
N LYS A 227 -3.51 -13.20 1.07
CA LYS A 227 -3.37 -13.98 2.30
C LYS A 227 -1.93 -14.35 2.62
N PHE A 228 -1.07 -14.30 1.62
CA PHE A 228 0.31 -14.71 1.81
C PHE A 228 1.31 -13.61 2.18
N ILE A 229 0.86 -12.36 2.27
CA ILE A 229 1.78 -11.28 2.64
C ILE A 229 2.11 -11.46 4.11
N LYS A 230 3.41 -11.49 4.41
CA LYS A 230 3.93 -11.68 5.77
C LYS A 230 3.89 -10.38 6.58
N LEU A 231 3.30 -10.43 7.77
CA LEU A 231 3.25 -9.25 8.63
C LEU A 231 4.55 -9.15 9.41
N ASN A 232 5.19 -7.98 9.40
CA ASN A 232 6.42 -7.81 10.16
C ASN A 232 6.18 -7.98 11.65
N GLN A 233 7.08 -8.69 12.34
CA GLN A 233 6.89 -8.82 13.78
C GLN A 233 8.11 -8.33 14.55
N GLN A 234 9.14 -7.88 13.83
CA GLN A 234 10.35 -7.35 14.50
C GLN A 234 10.28 -5.83 14.52
N PHE A 235 10.14 -5.25 15.71
CA PHE A 235 10.03 -3.82 15.83
C PHE A 235 11.30 -3.09 15.37
N VAL A 236 11.11 -2.17 14.43
CA VAL A 236 12.20 -1.36 13.90
C VAL A 236 11.98 0.09 14.35
N PRO A 237 12.98 0.69 15.01
CA PRO A 237 12.87 2.08 15.47
C PRO A 237 13.14 3.04 14.33
N PHE A 238 12.22 3.12 13.36
CA PHE A 238 12.41 3.99 12.21
C PHE A 238 12.73 5.43 12.53
N THR A 239 12.19 5.95 13.64
CA THR A 239 12.44 7.34 14.01
C THR A 239 13.87 7.60 14.42
N GLN A 240 14.63 6.53 14.62
CA GLN A 240 16.03 6.65 15.01
C GLN A 240 16.98 6.41 13.84
N LEU A 241 16.42 6.10 12.67
CA LEU A 241 17.22 5.80 11.49
C LEU A 241 17.32 6.97 10.53
N ASP A 242 18.33 6.95 9.67
CA ASP A 242 18.52 8.00 8.68
C ASP A 242 17.79 7.57 7.40
N LEU A 243 16.64 8.17 7.14
CA LEU A 243 15.86 7.80 5.96
C LEU A 243 16.09 8.72 4.78
N SER A 244 17.19 9.49 4.80
CA SER A 244 17.48 10.41 3.71
C SER A 244 17.69 9.71 2.37
N TYR A 245 18.00 8.42 2.39
CA TYR A 245 18.22 7.68 1.15
C TYR A 245 16.94 7.59 0.32
N LEU A 246 15.79 7.89 0.93
CA LEU A 246 14.51 7.82 0.22
C LEU A 246 14.18 9.08 -0.56
N GLN A 247 14.91 10.17 -0.31
CA GLN A 247 14.70 11.43 -1.04
C GLN A 247 14.91 11.11 -2.52
N GLN A 248 14.11 11.70 -3.40
CA GLN A 248 14.24 11.35 -4.81
C GLN A 248 15.63 11.52 -5.40
N GLU A 249 16.29 12.62 -5.09
CA GLU A 249 17.62 12.91 -5.62
C GLU A 249 18.63 11.81 -5.27
N ALA A 250 18.57 11.31 -4.05
CA ALA A 250 19.48 10.25 -3.63
C ALA A 250 19.05 8.90 -4.19
N TYR A 251 17.77 8.59 -4.08
CA TYR A 251 17.26 7.30 -4.53
C TYR A 251 17.42 7.05 -6.01
N ASP A 252 17.09 8.04 -6.82
CA ASP A 252 17.18 7.87 -8.27
C ASP A 252 18.60 7.75 -8.79
N ARG A 253 19.56 8.15 -7.97
CA ARG A 253 20.93 8.00 -8.38
C ARG A 253 21.46 6.67 -7.83
N ASP A 254 21.38 6.52 -6.51
CA ASP A 254 21.92 5.32 -5.87
C ASP A 254 21.20 4.01 -6.12
N PHE A 255 19.89 3.98 -5.94
CA PHE A 255 19.18 2.74 -6.16
C PHE A 255 19.29 2.31 -7.63
N LEU A 256 19.12 3.24 -8.55
CA LEU A 256 19.25 2.92 -9.97
C LEU A 256 20.65 2.44 -10.33
N ALA A 257 21.68 3.08 -9.77
CA ALA A 257 23.04 2.67 -10.06
C ALA A 257 23.24 1.24 -9.57
N ARG A 258 22.66 0.95 -8.42
CA ARG A 258 22.73 -0.36 -7.81
C ARG A 258 22.09 -1.43 -8.69
N VAL A 259 20.90 -1.14 -9.19
CA VAL A 259 20.18 -2.07 -10.04
C VAL A 259 20.90 -2.34 -11.36
N TYR A 260 21.32 -1.27 -12.03
CA TYR A 260 21.96 -1.45 -13.31
C TYR A 260 23.44 -1.81 -13.22
N GLY A 261 23.98 -1.70 -12.02
CA GLY A 261 25.38 -2.08 -11.81
C GLY A 261 25.42 -3.57 -11.46
N ALA A 262 24.28 -4.14 -11.10
CA ALA A 262 24.22 -5.56 -10.76
C ALA A 262 24.32 -6.42 -12.01
N PRO A 263 24.93 -7.60 -11.91
CA PRO A 263 25.07 -8.47 -13.07
C PRO A 263 23.72 -8.99 -13.54
N GLN A 264 23.59 -9.17 -14.85
CA GLN A 264 22.38 -9.67 -15.44
C GLN A 264 22.43 -11.20 -15.49
N LEU A 265 21.33 -11.86 -15.15
CA LEU A 265 21.24 -13.31 -15.18
C LEU A 265 19.98 -13.70 -15.92
N GLN A 266 20.04 -14.77 -16.70
CA GLN A 266 18.85 -15.22 -17.42
C GLN A 266 17.89 -15.76 -16.38
N VAL A 267 16.59 -15.56 -16.60
CA VAL A 267 15.60 -16.01 -15.64
C VAL A 267 15.71 -17.49 -15.22
N GLU A 268 16.07 -18.36 -16.14
CA GLU A 268 16.19 -19.77 -15.83
C GLU A 268 17.28 -20.07 -14.78
N LYS A 269 18.38 -19.32 -14.85
CA LYS A 269 19.46 -19.53 -13.90
C LYS A 269 19.03 -19.04 -12.52
N VAL A 270 18.25 -17.97 -12.48
CA VAL A 270 17.77 -17.47 -11.21
C VAL A 270 16.80 -18.49 -10.62
N ARG A 271 15.91 -18.97 -11.48
CA ARG A 271 14.88 -19.91 -11.09
C ARG A 271 15.45 -21.20 -10.49
N THR A 272 16.46 -21.78 -11.15
CA THR A 272 17.05 -23.04 -10.68
C THR A 272 18.20 -22.85 -9.69
N ASN A 273 18.37 -21.61 -9.24
CA ASN A 273 19.41 -21.28 -8.27
C ASN A 273 20.84 -21.57 -8.73
N ASP A 274 21.14 -21.25 -9.98
CA ASP A 274 22.49 -21.42 -10.52
C ASP A 274 23.27 -20.16 -10.16
N ARG A 275 24.59 -20.22 -10.27
CA ARG A 275 25.43 -19.05 -9.98
C ARG A 275 25.08 -18.39 -8.64
N LYS A 276 25.07 -19.15 -7.56
CA LYS A 276 24.74 -18.57 -6.25
C LYS A 276 25.70 -17.51 -5.72
N GLU A 277 26.91 -17.44 -6.28
CA GLU A 277 27.86 -16.44 -5.81
C GLU A 277 27.34 -15.02 -6.09
N LEU A 278 26.38 -14.90 -7.00
CA LEU A 278 25.81 -13.60 -7.35
C LEU A 278 24.59 -13.39 -6.44
N GLY A 279 24.83 -12.74 -5.30
CA GLY A 279 23.78 -12.50 -4.34
C GLY A 279 22.77 -11.42 -4.71
N GLU A 280 23.09 -10.65 -5.74
CA GLU A 280 22.19 -9.58 -6.22
C GLU A 280 22.33 -9.53 -7.73
N VAL A 281 21.21 -9.74 -8.41
CA VAL A 281 21.20 -9.76 -9.87
C VAL A 281 20.03 -9.03 -10.45
N ARG A 282 20.12 -8.83 -11.76
CA ARG A 282 19.09 -8.18 -12.53
C ARG A 282 18.59 -9.18 -13.56
N VAL A 283 17.28 -9.30 -13.71
CA VAL A 283 16.71 -10.17 -14.73
C VAL A 283 16.01 -9.13 -15.61
N GLN A 284 16.48 -9.00 -16.83
CA GLN A 284 15.93 -8.01 -17.72
C GLN A 284 14.76 -8.48 -18.58
N TYR A 285 13.73 -7.64 -18.65
CA TYR A 285 12.58 -7.93 -19.50
C TYR A 285 12.57 -6.82 -20.54
N THR A 286 12.03 -7.10 -21.72
CA THR A 286 12.03 -6.10 -22.78
C THR A 286 10.67 -5.76 -23.35
N GLY A 287 9.64 -6.45 -22.90
CA GLY A 287 8.30 -6.19 -23.40
C GLY A 287 7.29 -6.74 -22.44
N ARG A 288 6.01 -6.49 -22.72
CA ARG A 288 4.95 -6.97 -21.85
C ARG A 288 4.92 -8.50 -21.71
N ASP A 289 5.18 -9.21 -22.80
CA ASP A 289 5.16 -10.67 -22.73
C ASP A 289 6.29 -11.23 -21.87
N SER A 290 7.51 -10.68 -22.02
CA SER A 290 8.63 -11.15 -21.23
C SER A 290 8.44 -10.73 -19.76
N PHE A 291 7.89 -9.54 -19.53
CA PHE A 291 7.67 -9.13 -18.15
C PHE A 291 6.75 -10.16 -17.46
N LYS A 292 5.61 -10.46 -18.09
CA LYS A 292 4.68 -11.40 -17.47
C LYS A 292 5.25 -12.80 -17.35
N ALA A 293 6.00 -13.24 -18.37
CA ALA A 293 6.60 -14.56 -18.34
C ALA A 293 7.64 -14.67 -17.22
N PHE A 294 8.51 -13.68 -17.12
CA PHE A 294 9.55 -13.69 -16.10
C PHE A 294 8.97 -13.51 -14.69
N ALA A 295 7.99 -12.64 -14.52
CA ALA A 295 7.36 -12.43 -13.22
C ALA A 295 6.75 -13.76 -12.75
N LYS A 296 6.01 -14.42 -13.64
CA LYS A 296 5.38 -15.69 -13.32
C LYS A 296 6.43 -16.75 -12.98
N ALA A 297 7.51 -16.81 -13.76
CA ALA A 297 8.55 -17.80 -13.51
C ALA A 297 9.13 -17.67 -12.11
N LEU A 298 9.20 -16.44 -11.62
CA LEU A 298 9.79 -16.20 -10.29
C LEU A 298 8.79 -15.96 -9.17
N GLY A 299 7.51 -16.21 -9.44
CA GLY A 299 6.50 -16.05 -8.41
C GLY A 299 6.16 -14.63 -7.99
N VAL A 300 6.40 -13.67 -8.89
CA VAL A 300 6.13 -12.25 -8.61
C VAL A 300 4.76 -11.89 -9.19
N MET A 301 4.06 -10.95 -8.55
CA MET A 301 2.75 -10.52 -9.06
C MET A 301 2.98 -10.05 -10.48
N ASP A 302 2.14 -10.53 -11.41
CA ASP A 302 2.34 -10.16 -12.81
C ASP A 302 1.27 -9.27 -13.42
N ASP A 303 0.34 -8.76 -12.62
CA ASP A 303 -0.66 -7.89 -13.23
C ASP A 303 -0.14 -6.46 -13.23
N LEU A 304 -0.71 -5.64 -14.12
CA LEU A 304 -0.29 -4.26 -14.24
C LEU A 304 -1.47 -3.32 -14.15
N LYS A 305 -1.27 -2.18 -13.48
CA LYS A 305 -2.33 -1.19 -13.39
C LYS A 305 -1.80 0.05 -14.09
N SER A 306 -2.49 0.48 -15.16
CA SER A 306 -2.04 1.61 -15.96
C SER A 306 -0.59 1.41 -16.39
N GLY A 307 -0.25 0.16 -16.67
CA GLY A 307 1.09 -0.19 -17.14
C GLY A 307 2.16 -0.31 -16.08
N VAL A 308 1.80 -0.11 -14.82
CA VAL A 308 2.77 -0.19 -13.73
C VAL A 308 2.70 -1.53 -13.02
N PRO A 309 3.85 -2.21 -12.85
CA PRO A 309 3.85 -3.50 -12.17
C PRO A 309 3.76 -3.30 -10.67
N ARG A 310 3.25 -4.31 -9.97
CA ARG A 310 3.14 -4.29 -8.52
C ARG A 310 4.51 -4.01 -7.92
N ALA A 311 4.56 -3.04 -7.01
CA ALA A 311 5.79 -2.62 -6.33
C ALA A 311 6.89 -2.12 -7.26
N GLY A 312 6.52 -1.84 -8.51
CA GLY A 312 7.53 -1.37 -9.44
C GLY A 312 7.99 0.05 -9.23
N TYR A 313 9.23 0.33 -9.60
CA TYR A 313 9.77 1.67 -9.53
C TYR A 313 10.61 1.82 -10.79
N ARG A 314 10.22 2.76 -11.66
CA ARG A 314 10.88 2.95 -12.94
C ARG A 314 10.92 1.57 -13.63
N GLY A 315 9.81 0.85 -13.50
CA GLY A 315 9.70 -0.47 -14.11
C GLY A 315 10.38 -1.63 -13.42
N ILE A 316 11.11 -1.33 -12.34
CA ILE A 316 11.88 -2.35 -11.62
C ILE A 316 11.11 -2.93 -10.43
N VAL A 317 10.98 -4.26 -10.41
CA VAL A 317 10.33 -4.97 -9.31
C VAL A 317 11.46 -5.66 -8.56
N THR A 318 11.59 -5.32 -7.27
CA THR A 318 12.68 -5.86 -6.44
C THR A 318 12.14 -6.81 -5.39
N PHE A 319 12.80 -7.96 -5.24
CA PHE A 319 12.33 -8.97 -4.30
C PHE A 319 13.44 -9.95 -4.02
N LEU A 320 13.16 -10.90 -3.14
CA LEU A 320 14.12 -11.95 -2.83
C LEU A 320 13.61 -13.24 -3.46
N PHE A 321 14.52 -14.04 -3.99
CA PHE A 321 14.14 -15.31 -4.60
C PHE A 321 15.17 -16.32 -4.15
N ARG A 322 14.73 -17.28 -3.34
CA ARG A 322 15.61 -18.30 -2.82
C ARG A 322 16.88 -17.69 -2.22
N GLY A 323 16.67 -16.62 -1.44
CA GLY A 323 17.78 -15.96 -0.77
C GLY A 323 18.55 -14.92 -1.55
N ARG A 324 18.29 -14.84 -2.85
CA ARG A 324 18.98 -13.91 -3.72
C ARG A 324 18.18 -12.63 -3.96
N ARG A 325 18.85 -11.49 -3.98
CA ARG A 325 18.17 -10.22 -4.27
C ARG A 325 18.03 -10.15 -5.79
N VAL A 326 16.81 -9.96 -6.28
CA VAL A 326 16.56 -9.91 -7.71
C VAL A 326 15.84 -8.61 -8.10
N HIS A 327 16.29 -8.01 -9.19
CA HIS A 327 15.65 -6.81 -9.70
C HIS A 327 15.14 -7.19 -11.09
N LEU A 328 13.83 -7.36 -11.24
CA LEU A 328 13.23 -7.66 -12.54
C LEU A 328 13.09 -6.27 -13.15
N ALA A 329 13.95 -5.98 -14.12
CA ALA A 329 14.03 -4.64 -14.66
C ALA A 329 14.01 -4.50 -16.16
N PRO A 330 13.59 -3.32 -16.64
CA PRO A 330 13.53 -3.04 -18.08
C PRO A 330 14.94 -2.57 -18.44
N PRO A 331 15.21 -2.33 -19.74
CA PRO A 331 16.54 -1.85 -20.12
C PRO A 331 16.70 -0.46 -19.49
N GLN A 332 17.93 -0.01 -19.28
CA GLN A 332 18.12 1.29 -18.65
C GLN A 332 17.59 2.46 -19.48
N THR A 333 17.20 2.19 -20.71
CA THR A 333 16.64 3.21 -21.59
C THR A 333 15.19 3.52 -21.23
N TRP A 334 14.66 2.81 -20.22
CA TRP A 334 13.28 3.00 -19.77
C TRP A 334 12.97 4.48 -19.64
N ASP A 335 11.81 4.89 -20.14
CA ASP A 335 11.44 6.29 -20.10
C ASP A 335 9.94 6.50 -19.93
N GLY A 336 9.35 5.81 -18.96
CA GLY A 336 7.93 5.99 -18.72
C GLY A 336 7.09 4.74 -18.87
N TYR A 337 5.94 4.74 -18.24
CA TYR A 337 5.03 3.62 -18.30
C TYR A 337 4.07 3.73 -19.47
N ASP A 338 3.70 2.59 -20.02
CA ASP A 338 2.77 2.50 -21.16
C ASP A 338 1.50 1.83 -20.63
N PRO A 339 0.41 2.60 -20.51
N PRO A 339 0.32 2.54 -20.44
CA PRO A 339 -0.84 2.01 -20.02
CA PRO A 339 -0.94 2.01 -19.91
C PRO A 339 -1.39 0.86 -20.84
C PRO A 339 -1.52 0.89 -20.77
N SER A 340 -0.92 0.71 -22.08
CA SER A 340 -1.41 -0.38 -22.92
C SER A 340 -0.84 -1.74 -22.50
N TRP A 341 0.10 -1.74 -21.56
CA TRP A 341 0.62 -3.01 -21.05
C TRP A 341 -0.42 -3.47 -20.04
N THR A 342 -1.33 -4.33 -20.49
CA THR A 342 -2.41 -4.83 -19.65
C THR A 342 -2.25 -6.29 -19.27
MN MN B . -10.76 -6.25 2.20
N1 UDP C . -16.92 -0.64 2.93
C2 UDP C . -17.73 0.52 3.00
N3 UDP C . -19.03 0.41 2.53
C4 UDP C . -19.65 -0.76 1.97
C5 UDP C . -18.76 -2.03 1.88
C6 UDP C . -17.38 -1.86 2.41
O2 UDP C . -17.30 1.60 3.47
O4 UDP C . -20.80 -0.71 1.60
C1' UDP C . -15.56 -0.53 3.43
C2' UDP C . -15.03 -1.64 4.37
O2' UDP C . -15.48 -1.42 5.71
C3' UDP C . -13.53 -1.62 4.16
C4' UDP C . -13.39 -1.14 2.69
O4' UDP C . -14.59 -0.37 2.41
O3' UDP C . -12.98 -0.66 5.07
C5' UDP C . -13.23 -2.20 1.59
O5' UDP C . -14.12 -3.26 1.81
PA UDP C . -13.78 -4.75 1.64
O1A UDP C . -12.58 -5.02 2.48
O2A UDP C . -15.02 -5.54 1.93
O3A UDP C . -13.32 -4.78 0.12
PB UDP C . -12.40 -5.87 -0.60
O1B UDP C . -12.28 -5.34 -2.08
O2B UDP C . -13.15 -7.16 -0.48
O3B UDP C . -11.02 -5.82 0.02
C1 GOL D . -9.49 9.91 19.78
O1 GOL D . -10.31 9.46 18.69
C2 GOL D . -9.10 8.71 20.62
O2 GOL D . -8.42 7.76 19.77
C3 GOL D . -8.19 9.06 21.78
O3 GOL D . -8.04 7.91 22.62
C1 GOL E . 5.19 -0.69 -19.22
O1 GOL E . 4.54 0.41 -18.64
C2 GOL E . 6.68 -0.64 -18.88
O2 GOL E . 7.16 0.67 -19.13
C3 GOL E . 7.03 -1.02 -17.47
O3 GOL E . 8.45 -1.06 -17.38
C1 GOL F . -19.67 -5.63 2.75
O1 GOL F . -19.07 -6.49 3.74
C2 GOL F . -20.76 -6.41 2.03
O2 GOL F . -21.77 -6.77 2.97
C3 GOL F . -21.42 -5.65 0.91
O3 GOL F . -20.47 -5.46 -0.14
C1 GOL G . 2.18 15.42 -3.74
O1 GOL G . 2.79 16.24 -4.76
C2 GOL G . 1.60 16.34 -2.66
O2 GOL G . 0.71 17.26 -3.27
C3 GOL G . 0.84 15.61 -1.58
O3 GOL G . 1.72 14.70 -0.94
C1 GOL H . -10.40 -2.67 -0.76
O1 GOL H . -9.52 -3.49 -0.03
C2 GOL H . -9.75 -2.38 -2.10
O2 GOL H . -8.48 -3.06 -2.15
C3 GOL H . -10.59 -2.84 -3.27
O3 GOL H . -11.98 -2.57 -2.98
#